data_9KFP
#
_entry.id   9KFP
#
_entity_poly.entity_id   1
_entity_poly.type   'polypeptide(L)'
_entity_poly.pdbx_seq_one_letter_code
;CKPKGAPCSPLMYPCCTGPCRSGKC
;
_entity_poly.pdbx_strand_id   A
#
# COMPACT_ATOMS: atom_id res chain seq x y z
N CYS A 1 9.05 -1.32 -0.91
CA CYS A 1 7.74 -0.92 -0.32
C CYS A 1 7.01 0.05 -1.24
N LYS A 2 5.70 -0.17 -1.40
CA LYS A 2 4.89 0.70 -2.25
C LYS A 2 4.86 2.13 -1.73
N PRO A 3 5.12 3.12 -2.60
CA PRO A 3 5.11 4.53 -2.24
C PRO A 3 3.70 5.10 -2.28
N LYS A 4 3.56 6.35 -1.85
CA LYS A 4 2.25 7.00 -1.85
C LYS A 4 1.71 7.11 -3.27
N GLY A 5 0.40 6.95 -3.41
CA GLY A 5 -0.22 7.03 -4.73
C GLY A 5 -0.17 5.72 -5.49
N ALA A 6 0.65 4.79 -5.02
CA ALA A 6 0.78 3.48 -5.67
C ALA A 6 -0.29 2.52 -5.18
N PRO A 7 -0.59 1.47 -5.97
CA PRO A 7 -1.60 0.47 -5.61
C PRO A 7 -1.06 -0.53 -4.60
N CYS A 8 -1.77 -0.70 -3.48
CA CYS A 8 -1.34 -1.61 -2.44
C CYS A 8 -2.34 -2.72 -2.19
N SER A 9 -1.84 -3.92 -1.93
CA SER A 9 -2.66 -5.08 -1.64
C SER A 9 -2.29 -5.61 -0.26
N PRO A 10 -3.19 -5.52 0.72
CA PRO A 10 -2.91 -5.98 2.08
C PRO A 10 -2.29 -7.38 2.10
N LEU A 11 -2.38 -8.07 0.97
CA LEU A 11 -1.83 -9.42 0.85
C LEU A 11 -0.48 -9.46 0.13
N MET A 12 -0.34 -8.74 -0.98
CA MET A 12 0.91 -8.78 -1.74
C MET A 12 1.67 -7.46 -1.78
N TYR A 13 0.98 -6.32 -1.64
CA TYR A 13 1.65 -5.03 -1.70
C TYR A 13 1.41 -4.20 -0.44
N PRO A 14 2.25 -4.37 0.59
CA PRO A 14 2.13 -3.60 1.83
C PRO A 14 2.79 -2.23 1.72
N CYS A 15 2.05 -1.18 2.08
CA CYS A 15 2.59 0.17 2.00
C CYS A 15 3.80 0.34 2.90
N CYS A 16 4.71 1.21 2.51
CA CYS A 16 5.93 1.47 3.28
C CYS A 16 5.57 1.99 4.67
N THR A 17 4.70 2.99 4.72
CA THR A 17 4.28 3.58 5.99
C THR A 17 2.77 3.40 6.19
N GLY A 18 2.41 2.80 7.32
CA GLY A 18 1.01 2.56 7.62
C GLY A 18 0.40 1.48 6.76
N PRO A 19 -0.84 1.06 7.05
CA PRO A 19 -1.52 0.00 6.29
C PRO A 19 -2.08 0.51 4.96
N CYS A 20 -2.38 -0.41 4.04
CA CYS A 20 -2.91 -0.06 2.74
C CYS A 20 -4.23 0.71 2.89
N ARG A 21 -4.30 1.87 2.25
CA ARG A 21 -5.48 2.70 2.33
C ARG A 21 -6.57 2.26 1.35
N SER A 22 -6.89 0.97 1.37
CA SER A 22 -7.93 0.40 0.52
C SER A 22 -7.65 0.62 -0.96
N GLY A 23 -6.60 0.00 -1.48
CA GLY A 23 -6.28 0.12 -2.90
C GLY A 23 -5.04 0.94 -3.18
N LYS A 24 -4.81 1.99 -2.40
CA LYS A 24 -3.64 2.83 -2.61
C LYS A 24 -2.98 3.21 -1.29
N CYS A 25 -1.75 3.71 -1.38
CA CYS A 25 -0.99 4.11 -0.20
C CYS A 25 -1.24 5.57 0.14
N CYS A 1 9.21 -1.02 -1.28
CA CYS A 1 7.90 -0.77 -0.62
C CYS A 1 7.07 0.24 -1.39
N LYS A 2 5.78 -0.05 -1.53
CA LYS A 2 4.86 0.81 -2.25
C LYS A 2 4.85 2.23 -1.69
N PRO A 3 5.16 3.23 -2.53
CA PRO A 3 5.18 4.63 -2.12
C PRO A 3 3.79 5.26 -2.17
N LYS A 4 3.67 6.49 -1.69
CA LYS A 4 2.40 7.19 -1.70
C LYS A 4 1.92 7.44 -3.12
N GLY A 5 0.79 6.85 -3.47
CA GLY A 5 0.23 7.00 -4.80
C GLY A 5 0.21 5.71 -5.58
N ALA A 6 0.86 4.68 -5.04
CA ALA A 6 0.90 3.37 -5.69
C ALA A 6 -0.18 2.44 -5.15
N PRO A 7 -0.59 1.44 -5.95
CA PRO A 7 -1.62 0.48 -5.53
C PRO A 7 -1.08 -0.52 -4.51
N CYS A 8 -1.85 -0.76 -3.45
CA CYS A 8 -1.43 -1.68 -2.41
C CYS A 8 -2.45 -2.79 -2.18
N SER A 9 -1.95 -3.99 -1.92
CA SER A 9 -2.78 -5.14 -1.65
C SER A 9 -2.44 -5.67 -0.28
N PRO A 10 -3.40 -5.63 0.68
CA PRO A 10 -3.17 -6.12 2.04
C PRO A 10 -2.54 -7.51 2.06
N LEU A 11 -2.51 -8.16 0.90
CA LEU A 11 -1.96 -9.49 0.77
C LEU A 11 -0.54 -9.50 0.20
N MET A 12 -0.32 -8.81 -0.94
CA MET A 12 1.00 -8.84 -1.57
C MET A 12 1.70 -7.48 -1.62
N TYR A 13 0.95 -6.39 -1.64
CA TYR A 13 1.55 -5.07 -1.72
C TYR A 13 1.30 -4.23 -0.46
N PRO A 14 2.18 -4.34 0.55
CA PRO A 14 2.06 -3.57 1.78
C PRO A 14 2.77 -2.22 1.65
N CYS A 15 2.05 -1.15 1.98
CA CYS A 15 2.61 0.19 1.88
C CYS A 15 3.82 0.34 2.79
N CYS A 16 4.78 1.17 2.37
CA CYS A 16 5.99 1.40 3.14
C CYS A 16 5.63 1.91 4.53
N THR A 17 4.87 3.00 4.59
CA THR A 17 4.45 3.58 5.85
C THR A 17 2.94 3.50 6.02
N GLY A 18 2.50 2.97 7.16
CA GLY A 18 1.09 2.83 7.43
C GLY A 18 0.46 1.69 6.64
N PRO A 19 -0.78 1.29 6.99
CA PRO A 19 -1.48 0.21 6.31
C PRO A 19 -2.08 0.65 4.98
N CYS A 20 -2.35 -0.32 4.11
CA CYS A 20 -2.93 -0.03 2.80
C CYS A 20 -4.28 0.67 2.96
N ARG A 21 -4.44 1.80 2.28
CA ARG A 21 -5.68 2.57 2.36
C ARG A 21 -6.73 2.03 1.39
N SER A 22 -6.91 0.71 1.39
CA SER A 22 -7.90 0.06 0.53
C SER A 22 -7.65 0.34 -0.95
N GLY A 23 -6.54 -0.17 -1.47
CA GLY A 23 -6.23 0.01 -2.89
C GLY A 23 -5.07 0.94 -3.15
N LYS A 24 -4.93 1.99 -2.36
CA LYS A 24 -3.83 2.94 -2.55
C LYS A 24 -3.09 3.23 -1.24
N CYS A 25 -1.88 3.78 -1.36
CA CYS A 25 -1.07 4.12 -0.20
C CYS A 25 -1.18 5.61 0.13
N CYS A 1 8.94 -1.03 -1.15
CA CYS A 1 7.62 -0.80 -0.52
C CYS A 1 6.79 0.19 -1.33
N LYS A 2 5.50 -0.10 -1.47
CA LYS A 2 4.60 0.75 -2.23
C LYS A 2 4.56 2.17 -1.66
N PRO A 3 4.89 3.18 -2.50
CA PRO A 3 4.88 4.58 -2.09
C PRO A 3 3.50 5.20 -2.21
N LYS A 4 3.32 6.36 -1.60
CA LYS A 4 2.05 7.06 -1.64
C LYS A 4 1.66 7.41 -3.07
N GLY A 5 0.53 6.88 -3.52
CA GLY A 5 0.06 7.14 -4.86
C GLY A 5 0.03 5.89 -5.72
N ALA A 6 0.64 4.82 -5.21
CA ALA A 6 0.69 3.55 -5.92
C ALA A 6 -0.37 2.59 -5.40
N PRO A 7 -0.75 1.58 -6.20
CA PRO A 7 -1.75 0.59 -5.80
C PRO A 7 -1.15 -0.46 -4.88
N CYS A 8 -1.75 -0.66 -3.72
CA CYS A 8 -1.24 -1.64 -2.76
C CYS A 8 -2.31 -2.63 -2.33
N SER A 9 -1.85 -3.82 -1.96
CA SER A 9 -2.72 -4.89 -1.49
C SER A 9 -2.29 -5.30 -0.09
N PRO A 10 -3.18 -5.14 0.92
CA PRO A 10 -2.85 -5.52 2.30
C PRO A 10 -2.31 -6.94 2.39
N LEU A 11 -2.46 -7.69 1.29
CA LEU A 11 -1.99 -9.07 1.26
C LEU A 11 -0.66 -9.23 0.53
N MET A 12 -0.49 -8.58 -0.63
CA MET A 12 0.76 -8.74 -1.39
C MET A 12 1.59 -7.46 -1.50
N TYR A 13 0.94 -6.30 -1.44
CA TYR A 13 1.68 -5.04 -1.53
C TYR A 13 1.53 -4.20 -0.26
N PRO A 14 2.43 -4.38 0.72
CA PRO A 14 2.41 -3.63 1.97
C PRO A 14 3.10 -2.28 1.84
N CYS A 15 2.41 -1.21 2.24
CA CYS A 15 2.98 0.13 2.15
C CYS A 15 4.17 0.29 3.09
N CYS A 16 5.11 1.15 2.70
CA CYS A 16 6.30 1.41 3.51
C CYS A 16 5.93 1.56 4.98
N THR A 17 5.00 2.47 5.27
CA THR A 17 4.57 2.71 6.63
C THR A 17 3.05 2.59 6.75
N GLY A 18 2.60 1.67 7.59
CA GLY A 18 1.17 1.46 7.78
C GLY A 18 0.55 0.62 6.69
N PRO A 19 -0.67 0.11 6.89
CA PRO A 19 -1.37 -0.72 5.91
C PRO A 19 -1.82 0.09 4.69
N CYS A 20 -2.28 -0.61 3.66
CA CYS A 20 -2.74 0.04 2.44
C CYS A 20 -4.08 0.76 2.67
N ARG A 21 -4.26 1.88 1.98
CA ARG A 21 -5.48 2.67 2.12
C ARG A 21 -6.59 2.14 1.21
N SER A 22 -6.82 0.83 1.26
CA SER A 22 -7.87 0.19 0.48
C SER A 22 -7.70 0.41 -1.03
N GLY A 23 -6.63 -0.15 -1.59
CA GLY A 23 -6.39 -0.03 -3.02
C GLY A 23 -5.24 0.87 -3.37
N LYS A 24 -5.08 1.96 -2.62
CA LYS A 24 -3.99 2.90 -2.87
C LYS A 24 -3.20 3.18 -1.60
N CYS A 25 -2.02 3.76 -1.76
CA CYS A 25 -1.16 4.07 -0.62
C CYS A 25 -1.30 5.53 -0.23
N CYS A 1 9.05 -0.77 -1.29
CA CYS A 1 7.73 -0.64 -0.63
C CYS A 1 6.82 0.31 -1.39
N LYS A 2 5.53 -0.04 -1.46
CA LYS A 2 4.55 0.78 -2.16
C LYS A 2 4.53 2.21 -1.63
N PRO A 3 4.90 3.20 -2.46
CA PRO A 3 4.90 4.60 -2.06
C PRO A 3 3.53 5.24 -2.24
N LYS A 4 3.34 6.42 -1.65
CA LYS A 4 2.08 7.13 -1.74
C LYS A 4 1.71 7.40 -3.19
N GLY A 5 0.53 6.94 -3.59
CA GLY A 5 0.08 7.14 -4.96
C GLY A 5 0.04 5.85 -5.76
N ALA A 6 0.76 4.83 -5.26
CA ALA A 6 0.81 3.54 -5.93
C ALA A 6 -0.29 2.62 -5.40
N PRO A 7 -0.66 1.58 -6.19
CA PRO A 7 -1.68 0.63 -5.79
C PRO A 7 -1.11 -0.43 -4.86
N CYS A 8 -1.73 -0.61 -3.70
CA CYS A 8 -1.24 -1.59 -2.73
C CYS A 8 -2.32 -2.57 -2.32
N SER A 9 -1.88 -3.77 -1.97
CA SER A 9 -2.75 -4.83 -1.52
C SER A 9 -2.35 -5.25 -0.11
N PRO A 10 -3.24 -5.06 0.88
CA PRO A 10 -2.93 -5.44 2.27
C PRO A 10 -2.38 -6.85 2.38
N LEU A 11 -2.59 -7.64 1.32
CA LEU A 11 -2.12 -9.02 1.30
C LEU A 11 -0.82 -9.21 0.51
N MET A 12 -0.68 -8.52 -0.63
CA MET A 12 0.52 -8.71 -1.45
C MET A 12 1.42 -7.47 -1.55
N TYR A 13 0.85 -6.28 -1.43
CA TYR A 13 1.63 -5.05 -1.51
C TYR A 13 1.51 -4.22 -0.23
N PRO A 14 2.44 -4.42 0.73
CA PRO A 14 2.43 -3.67 1.99
C PRO A 14 3.12 -2.32 1.83
N CYS A 15 2.44 -1.25 2.25
CA CYS A 15 2.99 0.09 2.14
C CYS A 15 4.18 0.27 3.08
N CYS A 16 5.09 1.17 2.71
CA CYS A 16 6.27 1.46 3.52
C CYS A 16 5.91 1.60 4.99
N THR A 17 4.96 2.50 5.26
CA THR A 17 4.51 2.74 6.63
C THR A 17 3.00 2.59 6.74
N GLY A 18 2.57 1.78 7.71
CA GLY A 18 1.14 1.55 7.91
C GLY A 18 0.52 0.71 6.80
N PRO A 19 -0.66 0.12 7.05
CA PRO A 19 -1.35 -0.71 6.06
C PRO A 19 -1.80 0.10 4.83
N CYS A 20 -2.22 -0.62 3.79
CA CYS A 20 -2.68 0.02 2.57
C CYS A 20 -4.03 0.70 2.79
N ARG A 21 -4.27 1.78 2.04
CA ARG A 21 -5.53 2.51 2.16
C ARG A 21 -6.61 1.93 1.26
N SER A 22 -6.70 0.61 1.22
CA SER A 22 -7.72 -0.08 0.43
C SER A 22 -7.57 0.18 -1.07
N GLY A 23 -6.48 -0.30 -1.65
CA GLY A 23 -6.25 -0.11 -3.08
C GLY A 23 -5.14 0.86 -3.41
N LYS A 24 -5.01 1.92 -2.63
CA LYS A 24 -3.97 2.91 -2.86
C LYS A 24 -3.20 3.19 -1.59
N CYS A 25 -2.00 3.76 -1.73
CA CYS A 25 -1.15 4.07 -0.59
C CYS A 25 -1.31 5.53 -0.18
N CYS A 1 9.13 -0.77 -1.32
CA CYS A 1 7.81 -0.65 -0.64
C CYS A 1 6.88 0.28 -1.41
N LYS A 2 5.60 -0.06 -1.43
CA LYS A 2 4.61 0.74 -2.12
C LYS A 2 4.55 2.16 -1.56
N PRO A 3 4.93 3.17 -2.37
CA PRO A 3 4.91 4.56 -1.96
C PRO A 3 3.53 5.18 -2.20
N LYS A 4 3.35 6.41 -1.72
CA LYS A 4 2.07 7.09 -1.88
C LYS A 4 1.71 7.21 -3.36
N GLY A 5 0.44 7.03 -3.67
CA GLY A 5 -0.02 7.13 -5.04
C GLY A 5 -0.04 5.78 -5.75
N ALA A 6 0.79 4.85 -5.27
CA ALA A 6 0.86 3.53 -5.87
C ALA A 6 -0.23 2.61 -5.33
N PRO A 7 -0.59 1.55 -6.08
CA PRO A 7 -1.62 0.61 -5.67
C PRO A 7 -1.06 -0.46 -4.73
N CYS A 8 -1.68 -0.62 -3.56
CA CYS A 8 -1.22 -1.59 -2.59
C CYS A 8 -2.29 -2.62 -2.24
N SER A 9 -1.85 -3.84 -1.95
CA SER A 9 -2.73 -4.92 -1.57
C SER A 9 -2.35 -5.41 -0.17
N PRO A 10 -3.26 -5.30 0.81
CA PRO A 10 -2.99 -5.75 2.17
C PRO A 10 -2.43 -7.17 2.22
N LEU A 11 -2.52 -7.86 1.07
CA LEU A 11 -2.05 -9.23 0.97
C LEU A 11 -0.67 -9.35 0.32
N MET A 12 -0.47 -8.67 -0.82
CA MET A 12 0.81 -8.78 -1.53
C MET A 12 1.63 -7.49 -1.59
N TYR A 13 0.96 -6.34 -1.54
CA TYR A 13 1.68 -5.06 -1.61
C TYR A 13 1.52 -4.26 -0.32
N PRO A 14 2.47 -4.40 0.63
CA PRO A 14 2.45 -3.66 1.88
C PRO A 14 3.13 -2.31 1.75
N CYS A 15 2.44 -1.25 2.17
CA CYS A 15 2.98 0.10 2.09
C CYS A 15 4.19 0.26 3.01
N CYS A 16 5.07 1.20 2.66
CA CYS A 16 6.26 1.47 3.45
C CYS A 16 5.91 1.61 4.93
N THR A 17 4.94 2.49 5.21
CA THR A 17 4.50 2.72 6.57
C THR A 17 2.97 2.67 6.67
N GLY A 18 2.47 2.06 7.75
CA GLY A 18 1.03 1.94 7.93
C GLY A 18 0.40 0.98 6.95
N PRO A 19 -0.90 0.66 7.12
CA PRO A 19 -1.60 -0.26 6.23
C PRO A 19 -2.05 0.41 4.93
N CYS A 20 -2.38 -0.41 3.93
CA CYS A 20 -2.83 0.10 2.65
C CYS A 20 -4.17 0.83 2.80
N ARG A 21 -4.31 1.96 2.11
CA ARG A 21 -5.52 2.75 2.18
C ARG A 21 -6.61 2.21 1.26
N SER A 22 -6.84 0.90 1.33
CA SER A 22 -7.88 0.25 0.52
C SER A 22 -7.64 0.41 -0.98
N GLY A 23 -6.56 -0.19 -1.47
CA GLY A 23 -6.26 -0.11 -2.91
C GLY A 23 -5.13 0.82 -3.24
N LYS A 24 -5.04 1.95 -2.53
CA LYS A 24 -3.98 2.92 -2.79
C LYS A 24 -3.22 3.23 -1.51
N CYS A 25 -2.01 3.76 -1.66
CA CYS A 25 -1.17 4.09 -0.51
C CYS A 25 -1.38 5.54 -0.09
N CYS A 1 8.45 -1.73 -0.95
CA CYS A 1 7.16 -1.22 -0.42
C CYS A 1 6.57 -0.16 -1.35
N LYS A 2 5.25 -0.18 -1.49
CA LYS A 2 4.56 0.77 -2.35
C LYS A 2 4.51 2.17 -1.72
N PRO A 3 4.93 3.20 -2.47
CA PRO A 3 4.93 4.57 -1.99
C PRO A 3 3.59 5.26 -2.19
N LYS A 4 3.47 6.48 -1.67
CA LYS A 4 2.24 7.25 -1.81
C LYS A 4 1.86 7.43 -3.27
N GLY A 5 0.68 6.93 -3.63
CA GLY A 5 0.21 7.06 -4.99
C GLY A 5 0.20 5.73 -5.74
N ALA A 6 0.86 4.73 -5.18
CA ALA A 6 0.92 3.41 -5.80
C ALA A 6 -0.16 2.48 -5.26
N PRO A 7 -0.55 1.45 -6.03
CA PRO A 7 -1.58 0.50 -5.61
C PRO A 7 -1.03 -0.51 -4.61
N CYS A 8 -1.72 -0.67 -3.49
CA CYS A 8 -1.28 -1.58 -2.45
C CYS A 8 -2.31 -2.68 -2.18
N SER A 9 -1.81 -3.88 -1.92
CA SER A 9 -2.64 -5.03 -1.61
C SER A 9 -2.25 -5.55 -0.24
N PRO A 10 -3.14 -5.43 0.76
CA PRO A 10 -2.87 -5.88 2.13
C PRO A 10 -2.22 -7.26 2.17
N LEU A 11 -2.35 -8.01 1.08
CA LEU A 11 -1.79 -9.34 1.00
C LEU A 11 -0.48 -9.41 0.21
N MET A 12 -0.39 -8.67 -0.91
CA MET A 12 0.82 -8.74 -1.74
C MET A 12 1.61 -7.43 -1.82
N TYR A 13 0.95 -6.29 -1.67
CA TYR A 13 1.64 -5.01 -1.75
C TYR A 13 1.40 -4.17 -0.49
N PRO A 14 2.29 -4.29 0.52
CA PRO A 14 2.19 -3.53 1.76
C PRO A 14 2.86 -2.16 1.64
N CYS A 15 2.15 -1.11 2.00
CA CYS A 15 2.69 0.25 1.93
C CYS A 15 3.90 0.39 2.84
N CYS A 16 4.80 1.31 2.48
CA CYS A 16 6.01 1.54 3.28
C CYS A 16 5.65 1.86 4.72
N THR A 17 4.84 2.90 4.91
CA THR A 17 4.41 3.31 6.24
C THR A 17 2.90 3.19 6.39
N GLY A 18 2.47 2.71 7.56
CA GLY A 18 1.04 2.57 7.81
C GLY A 18 0.41 1.47 6.96
N PRO A 19 -0.88 1.15 7.19
CA PRO A 19 -1.58 0.11 6.44
C PRO A 19 -2.11 0.61 5.11
N CYS A 20 -2.31 -0.31 4.17
CA CYS A 20 -2.82 0.03 2.84
C CYS A 20 -4.19 0.69 2.94
N ARG A 21 -4.36 1.82 2.29
CA ARG A 21 -5.62 2.55 2.31
C ARG A 21 -6.61 2.02 1.28
N SER A 22 -6.94 0.75 1.40
CA SER A 22 -7.90 0.09 0.51
C SER A 22 -7.61 0.35 -0.97
N GLY A 23 -6.49 -0.17 -1.46
CA GLY A 23 -6.16 0.00 -2.87
C GLY A 23 -4.99 0.92 -3.14
N LYS A 24 -4.85 1.98 -2.36
CA LYS A 24 -3.75 2.93 -2.55
C LYS A 24 -3.04 3.25 -1.25
N CYS A 25 -1.81 3.76 -1.36
CA CYS A 25 -1.01 4.11 -0.19
C CYS A 25 -1.26 5.56 0.22
N CYS A 1 9.29 -0.73 -1.11
CA CYS A 1 7.95 -0.63 -0.50
C CYS A 1 7.06 0.31 -1.30
N LYS A 2 5.79 -0.05 -1.42
CA LYS A 2 4.82 0.75 -2.17
C LYS A 2 4.72 2.18 -1.63
N PRO A 3 5.05 3.18 -2.47
CA PRO A 3 4.98 4.58 -2.08
C PRO A 3 3.58 5.14 -2.28
N LYS A 4 3.37 6.38 -1.84
CA LYS A 4 2.05 7.01 -1.97
C LYS A 4 1.64 7.09 -3.44
N GLY A 5 0.33 7.02 -3.68
CA GLY A 5 -0.18 7.09 -5.04
C GLY A 5 -0.20 5.73 -5.72
N ALA A 6 0.71 4.85 -5.32
CA ALA A 6 0.78 3.51 -5.91
C ALA A 6 -0.29 2.61 -5.32
N PRO A 7 -0.69 1.55 -6.07
CA PRO A 7 -1.71 0.61 -5.61
C PRO A 7 -1.13 -0.44 -4.68
N CYS A 8 -1.72 -0.58 -3.50
CA CYS A 8 -1.23 -1.55 -2.53
C CYS A 8 -2.28 -2.61 -2.20
N SER A 9 -1.80 -3.81 -1.91
CA SER A 9 -2.64 -4.93 -1.54
C SER A 9 -2.27 -5.42 -0.15
N PRO A 10 -3.16 -5.27 0.84
CA PRO A 10 -2.88 -5.70 2.22
C PRO A 10 -2.29 -7.11 2.27
N LEU A 11 -2.43 -7.84 1.16
CA LEU A 11 -1.93 -9.21 1.09
C LEU A 11 -0.59 -9.32 0.34
N MET A 12 -0.43 -8.61 -0.79
CA MET A 12 0.80 -8.73 -1.56
C MET A 12 1.63 -7.45 -1.65
N TYR A 13 1.00 -6.29 -1.54
CA TYR A 13 1.74 -5.04 -1.62
C TYR A 13 1.61 -4.21 -0.35
N PRO A 14 2.44 -4.49 0.67
CA PRO A 14 2.43 -3.75 1.93
C PRO A 14 3.11 -2.39 1.77
N CYS A 15 2.43 -1.33 2.20
CA CYS A 15 2.99 0.02 2.10
C CYS A 15 4.16 0.21 3.05
N CYS A 16 5.05 1.13 2.71
CA CYS A 16 6.21 1.44 3.53
C CYS A 16 5.82 1.56 5.00
N THR A 17 4.86 2.44 5.28
CA THR A 17 4.39 2.65 6.64
C THR A 17 2.86 2.56 6.71
N GLY A 18 2.37 1.90 7.75
CA GLY A 18 0.94 1.75 7.92
C GLY A 18 0.32 0.84 6.87
N PRO A 19 -0.92 0.36 7.09
CA PRO A 19 -1.61 -0.52 6.14
C PRO A 19 -2.06 0.21 4.88
N CYS A 20 -2.46 -0.55 3.88
CA CYS A 20 -2.91 0.01 2.61
C CYS A 20 -4.20 0.80 2.81
N ARG A 21 -4.32 1.93 2.11
CA ARG A 21 -5.50 2.78 2.23
C ARG A 21 -6.62 2.35 1.26
N SER A 22 -6.98 1.07 1.31
CA SER A 22 -8.05 0.54 0.48
C SER A 22 -7.77 0.68 -1.02
N GLY A 23 -6.75 -0.03 -1.50
CA GLY A 23 -6.43 0.01 -2.92
C GLY A 23 -5.25 0.89 -3.26
N LYS A 24 -5.11 2.02 -2.57
CA LYS A 24 -4.01 2.93 -2.83
C LYS A 24 -3.22 3.21 -1.57
N CYS A 25 -2.00 3.69 -1.74
CA CYS A 25 -1.13 3.99 -0.60
C CYS A 25 -1.32 5.43 -0.15
N CYS A 1 9.25 -0.88 -1.01
CA CYS A 1 7.91 -0.70 -0.40
C CYS A 1 7.05 0.24 -1.23
N LYS A 2 5.77 -0.10 -1.37
CA LYS A 2 4.83 0.70 -2.14
C LYS A 2 4.74 2.13 -1.61
N PRO A 3 5.03 3.13 -2.47
CA PRO A 3 4.97 4.53 -2.09
C PRO A 3 3.57 5.09 -2.26
N LYS A 4 3.37 6.34 -1.84
CA LYS A 4 2.06 6.98 -1.95
C LYS A 4 1.64 7.10 -3.41
N GLY A 5 0.33 7.01 -3.65
CA GLY A 5 -0.18 7.10 -5.01
C GLY A 5 -0.17 5.76 -5.72
N ALA A 6 0.70 4.85 -5.26
CA ALA A 6 0.80 3.53 -5.86
C ALA A 6 -0.27 2.60 -5.32
N PRO A 7 -0.61 1.53 -6.06
CA PRO A 7 -1.63 0.57 -5.63
C PRO A 7 -1.06 -0.45 -4.67
N CYS A 8 -1.69 -0.59 -3.51
CA CYS A 8 -1.22 -1.54 -2.50
C CYS A 8 -2.27 -2.58 -2.18
N SER A 9 -1.81 -3.79 -1.91
CA SER A 9 -2.67 -4.90 -1.56
C SER A 9 -2.28 -5.42 -0.18
N PRO A 10 -3.18 -5.30 0.82
CA PRO A 10 -2.88 -5.77 2.17
C PRO A 10 -2.33 -7.18 2.19
N LEU A 11 -2.48 -7.89 1.06
CA LEU A 11 -2.01 -9.26 0.94
C LEU A 11 -0.68 -9.37 0.19
N MET A 12 -0.53 -8.64 -0.92
CA MET A 12 0.70 -8.75 -1.72
C MET A 12 1.55 -7.48 -1.76
N TYR A 13 0.93 -6.32 -1.63
CA TYR A 13 1.69 -5.06 -1.67
C TYR A 13 1.55 -4.27 -0.37
N PRO A 14 2.54 -4.42 0.54
CA PRO A 14 2.53 -3.69 1.81
C PRO A 14 3.21 -2.33 1.68
N CYS A 15 2.53 -1.28 2.13
CA CYS A 15 3.07 0.07 2.05
C CYS A 15 4.23 0.25 3.03
N CYS A 16 5.12 1.19 2.70
CA CYS A 16 6.29 1.47 3.54
C CYS A 16 5.89 1.61 5.00
N THR A 17 4.92 2.47 5.27
CA THR A 17 4.44 2.70 6.62
C THR A 17 2.91 2.78 6.66
N GLY A 18 2.31 2.19 7.68
CA GLY A 18 0.87 2.22 7.81
C GLY A 18 0.18 1.27 6.85
N PRO A 19 -1.00 0.75 7.19
CA PRO A 19 -1.74 -0.19 6.33
C PRO A 19 -2.17 0.46 5.02
N CYS A 20 -2.45 -0.37 4.03
CA CYS A 20 -2.89 0.13 2.72
C CYS A 20 -4.21 0.87 2.85
N ARG A 21 -4.33 2.00 2.14
CA ARG A 21 -5.54 2.80 2.19
C ARG A 21 -6.62 2.29 1.23
N SER A 22 -6.95 1.01 1.38
CA SER A 22 -7.99 0.38 0.56
C SER A 22 -7.70 0.48 -0.94
N GLY A 23 -6.64 -0.19 -1.38
CA GLY A 23 -6.29 -0.19 -2.79
C GLY A 23 -5.16 0.76 -3.16
N LYS A 24 -5.13 1.92 -2.51
CA LYS A 24 -4.08 2.90 -2.77
C LYS A 24 -3.28 3.20 -1.51
N CYS A 25 -2.11 3.80 -1.68
CA CYS A 25 -1.25 4.12 -0.56
C CYS A 25 -1.37 5.59 -0.17
N CYS A 1 8.86 -1.00 -0.83
CA CYS A 1 7.49 -0.76 -0.27
C CYS A 1 6.69 0.16 -1.18
N LYS A 2 5.40 -0.09 -1.28
CA LYS A 2 4.51 0.72 -2.11
C LYS A 2 4.47 2.16 -1.60
N PRO A 3 4.95 3.12 -2.42
CA PRO A 3 4.95 4.53 -2.06
C PRO A 3 3.61 5.20 -2.38
N LYS A 4 3.47 6.46 -2.00
CA LYS A 4 2.24 7.20 -2.26
C LYS A 4 1.87 7.14 -3.74
N GLY A 5 0.57 7.07 -4.02
CA GLY A 5 0.12 7.01 -5.40
C GLY A 5 0.14 5.61 -5.96
N ALA A 6 0.96 4.74 -5.38
CA ALA A 6 1.06 3.36 -5.85
C ALA A 6 -0.04 2.50 -5.23
N PRO A 7 -0.43 1.41 -5.92
CA PRO A 7 -1.47 0.51 -5.43
C PRO A 7 -0.92 -0.48 -4.39
N CYS A 8 -1.56 -0.52 -3.23
CA CYS A 8 -1.13 -1.42 -2.17
C CYS A 8 -2.17 -2.49 -1.89
N SER A 9 -1.68 -3.71 -1.67
CA SER A 9 -2.52 -4.84 -1.38
C SER A 9 -2.12 -5.42 -0.03
N PRO A 10 -2.96 -5.25 1.01
CA PRO A 10 -2.67 -5.77 2.35
C PRO A 10 -2.13 -7.19 2.30
N LEU A 11 -2.38 -7.86 1.18
CA LEU A 11 -1.95 -9.23 1.00
C LEU A 11 -0.68 -9.36 0.14
N MET A 12 -0.59 -8.61 -0.97
CA MET A 12 0.57 -8.73 -1.85
C MET A 12 1.44 -7.47 -1.96
N TYR A 13 0.85 -6.30 -1.78
CA TYR A 13 1.63 -5.05 -1.90
C TYR A 13 1.63 -4.26 -0.60
N PRO A 14 2.55 -4.58 0.34
CA PRO A 14 2.66 -3.85 1.60
C PRO A 14 3.11 -2.41 1.37
N CYS A 15 2.37 -1.46 1.93
CA CYS A 15 2.69 -0.05 1.77
C CYS A 15 3.83 0.37 2.69
N CYS A 16 4.52 1.43 2.32
CA CYS A 16 5.63 1.95 3.13
C CYS A 16 5.15 2.32 4.51
N THR A 17 3.85 2.60 4.62
CA THR A 17 3.24 2.97 5.89
C THR A 17 2.61 1.75 6.55
N GLY A 18 1.85 1.99 7.62
CA GLY A 18 1.22 0.89 8.33
C GLY A 18 0.24 0.12 7.45
N PRO A 19 -1.08 0.39 7.57
CA PRO A 19 -2.10 -0.28 6.78
C PRO A 19 -2.39 0.42 5.46
N CYS A 20 -2.61 -0.37 4.41
CA CYS A 20 -2.91 0.17 3.09
C CYS A 20 -4.26 0.90 3.11
N ARG A 21 -4.35 2.00 2.37
CA ARG A 21 -5.58 2.79 2.34
C ARG A 21 -6.62 2.19 1.39
N SER A 22 -6.74 0.86 1.44
CA SER A 22 -7.71 0.14 0.61
C SER A 22 -7.46 0.36 -0.89
N GLY A 23 -6.34 -0.16 -1.38
CA GLY A 23 -6.04 -0.03 -2.80
C GLY A 23 -4.90 0.92 -3.13
N LYS A 24 -4.80 2.03 -2.40
CA LYS A 24 -3.75 3.00 -2.67
C LYS A 24 -3.02 3.43 -1.40
N CYS A 25 -1.86 4.05 -1.57
CA CYS A 25 -1.06 4.52 -0.44
C CYS A 25 -1.28 6.01 -0.19
N CYS A 1 9.26 -0.83 -0.95
CA CYS A 1 7.90 -0.68 -0.36
C CYS A 1 7.05 0.28 -1.20
N LYS A 2 5.79 -0.06 -1.38
CA LYS A 2 4.86 0.74 -2.17
C LYS A 2 4.75 2.16 -1.63
N PRO A 3 5.07 3.17 -2.47
CA PRO A 3 4.98 4.57 -2.11
C PRO A 3 3.59 5.13 -2.31
N LYS A 4 3.36 6.36 -1.86
CA LYS A 4 2.05 6.99 -2.01
C LYS A 4 1.67 7.10 -3.48
N GLY A 5 0.38 7.01 -3.76
CA GLY A 5 -0.10 7.10 -5.12
C GLY A 5 -0.15 5.74 -5.80
N ALA A 6 0.73 4.85 -5.40
CA ALA A 6 0.79 3.51 -5.97
C ALA A 6 -0.30 2.63 -5.38
N PRO A 7 -0.69 1.54 -6.08
CA PRO A 7 -1.71 0.62 -5.61
C PRO A 7 -1.14 -0.43 -4.67
N CYS A 8 -1.72 -0.56 -3.48
CA CYS A 8 -1.24 -1.51 -2.51
C CYS A 8 -2.30 -2.57 -2.17
N SER A 9 -1.83 -3.77 -1.88
CA SER A 9 -2.70 -4.88 -1.52
C SER A 9 -2.31 -5.37 -0.13
N PRO A 10 -3.20 -5.25 0.86
CA PRO A 10 -2.92 -5.70 2.22
C PRO A 10 -2.37 -7.12 2.26
N LEU A 11 -2.47 -7.81 1.13
CA LEU A 11 -2.01 -9.18 1.02
C LEU A 11 -0.63 -9.29 0.35
N MET A 12 -0.44 -8.62 -0.80
CA MET A 12 0.82 -8.74 -1.53
C MET A 12 1.62 -7.44 -1.62
N TYR A 13 0.95 -6.30 -1.58
CA TYR A 13 1.66 -5.02 -1.68
C TYR A 13 1.50 -4.19 -0.41
N PRO A 14 2.40 -4.37 0.57
CA PRO A 14 2.38 -3.62 1.83
C PRO A 14 3.09 -2.27 1.69
N CYS A 15 2.45 -1.21 2.16
CA CYS A 15 3.03 0.13 2.08
C CYS A 15 4.18 0.29 3.08
N CYS A 16 5.11 1.18 2.74
CA CYS A 16 6.27 1.44 3.60
C CYS A 16 5.85 1.55 5.06
N THR A 17 4.91 2.45 5.35
CA THR A 17 4.43 2.66 6.71
C THR A 17 2.92 2.49 6.79
N GLY A 18 2.45 1.88 7.88
CA GLY A 18 1.02 1.67 8.06
C GLY A 18 0.43 0.74 7.02
N PRO A 19 -0.85 0.37 7.16
CA PRO A 19 -1.53 -0.52 6.21
C PRO A 19 -1.96 0.22 4.94
N CYS A 20 -2.42 -0.55 3.95
CA CYS A 20 -2.86 0.03 2.69
C CYS A 20 -4.18 0.79 2.89
N ARG A 21 -4.35 1.87 2.13
CA ARG A 21 -5.55 2.68 2.24
C ARG A 21 -6.69 2.14 1.36
N SER A 22 -6.80 0.81 1.29
CA SER A 22 -7.85 0.16 0.51
C SER A 22 -7.72 0.44 -0.99
N GLY A 23 -6.65 -0.10 -1.60
CA GLY A 23 -6.46 0.07 -3.04
C GLY A 23 -5.30 0.99 -3.39
N LYS A 24 -5.10 2.04 -2.61
CA LYS A 24 -4.00 2.98 -2.88
C LYS A 24 -3.19 3.24 -1.62
N CYS A 25 -2.00 3.80 -1.81
CA CYS A 25 -1.11 4.10 -0.69
C CYS A 25 -1.20 5.56 -0.28
N CYS A 1 9.03 -0.95 -1.50
CA CYS A 1 7.76 -0.75 -0.76
C CYS A 1 6.84 0.21 -1.52
N LYS A 2 5.54 -0.05 -1.44
CA LYS A 2 4.55 0.78 -2.12
C LYS A 2 4.51 2.19 -1.53
N PRO A 3 4.90 3.22 -2.32
CA PRO A 3 4.88 4.59 -1.88
C PRO A 3 3.51 5.24 -2.09
N LYS A 4 3.36 6.46 -1.62
CA LYS A 4 2.10 7.17 -1.77
C LYS A 4 1.77 7.40 -3.23
N GLY A 5 0.62 6.86 -3.66
CA GLY A 5 0.20 7.01 -5.04
C GLY A 5 0.19 5.69 -5.78
N ALA A 6 0.86 4.69 -5.21
CA ALA A 6 0.92 3.36 -5.82
C ALA A 6 -0.15 2.44 -5.24
N PRO A 7 -0.54 1.41 -5.99
CA PRO A 7 -1.56 0.46 -5.52
C PRO A 7 -1.00 -0.52 -4.50
N CYS A 8 -1.65 -0.60 -3.35
CA CYS A 8 -1.21 -1.49 -2.28
C CYS A 8 -2.23 -2.58 -2.01
N SER A 9 -1.73 -3.79 -1.77
CA SER A 9 -2.56 -4.93 -1.47
C SER A 9 -2.18 -5.49 -0.10
N PRO A 10 -3.06 -5.36 0.91
CA PRO A 10 -2.77 -5.87 2.25
C PRO A 10 -2.23 -7.30 2.21
N LEU A 11 -2.43 -7.96 1.08
CA LEU A 11 -1.98 -9.32 0.89
C LEU A 11 -0.68 -9.42 0.09
N MET A 12 -0.55 -8.64 -1.00
CA MET A 12 0.65 -8.73 -1.84
C MET A 12 1.49 -7.45 -1.86
N TYR A 13 0.88 -6.30 -1.70
CA TYR A 13 1.63 -5.04 -1.72
C TYR A 13 1.47 -4.24 -0.43
N PRO A 14 2.27 -4.54 0.60
CA PRO A 14 2.21 -3.82 1.88
C PRO A 14 2.88 -2.44 1.75
N CYS A 15 2.16 -1.41 2.18
CA CYS A 15 2.68 -0.04 2.11
C CYS A 15 3.98 0.10 2.91
N CYS A 16 4.80 1.06 2.52
CA CYS A 16 6.07 1.31 3.19
C CYS A 16 5.84 1.74 4.63
N THR A 17 4.78 2.52 4.84
CA THR A 17 4.44 2.99 6.17
C THR A 17 2.93 2.98 6.39
N GLY A 18 2.50 2.57 7.58
CA GLY A 18 1.09 2.51 7.89
C GLY A 18 0.37 1.45 7.08
N PRO A 19 -0.95 1.29 7.28
CA PRO A 19 -1.75 0.30 6.56
C PRO A 19 -2.20 0.80 5.19
N CYS A 20 -2.45 -0.13 4.28
CA CYS A 20 -2.89 0.20 2.93
C CYS A 20 -4.26 0.89 2.98
N ARG A 21 -4.43 1.95 2.20
CA ARG A 21 -5.68 2.70 2.19
C ARG A 21 -6.71 2.05 1.26
N SER A 22 -6.76 0.72 1.28
CA SER A 22 -7.72 -0.03 0.46
C SER A 22 -7.51 0.21 -1.04
N GLY A 23 -6.38 -0.26 -1.57
CA GLY A 23 -6.12 -0.10 -2.99
C GLY A 23 -5.02 0.89 -3.31
N LYS A 24 -4.91 1.96 -2.53
CA LYS A 24 -3.88 2.97 -2.76
C LYS A 24 -3.15 3.31 -1.47
N CYS A 25 -1.94 3.85 -1.61
CA CYS A 25 -1.13 4.23 -0.46
C CYS A 25 -1.22 5.73 -0.19
N CYS A 1 9.33 -0.65 -1.10
CA CYS A 1 7.96 -0.57 -0.54
C CYS A 1 7.09 0.37 -1.37
N LYS A 2 5.82 0.01 -1.52
CA LYS A 2 4.87 0.81 -2.28
C LYS A 2 4.78 2.23 -1.73
N PRO A 3 5.04 3.24 -2.59
CA PRO A 3 4.98 4.64 -2.19
C PRO A 3 3.57 5.20 -2.29
N LYS A 4 3.33 6.32 -1.63
CA LYS A 4 2.01 6.97 -1.65
C LYS A 4 1.60 7.32 -3.07
N GLY A 5 0.48 6.78 -3.51
CA GLY A 5 0.01 7.05 -4.85
C GLY A 5 0.07 5.82 -5.76
N ALA A 6 0.75 4.79 -5.28
CA ALA A 6 0.89 3.55 -6.04
C ALA A 6 -0.19 2.54 -5.64
N PRO A 7 -0.45 1.54 -6.49
CA PRO A 7 -1.45 0.52 -6.21
C PRO A 7 -0.91 -0.52 -5.24
N CYS A 8 -1.63 -0.74 -4.14
CA CYS A 8 -1.20 -1.71 -3.14
C CYS A 8 -2.24 -2.76 -2.85
N SER A 9 -1.76 -3.92 -2.41
CA SER A 9 -2.61 -5.03 -2.06
C SER A 9 -2.35 -5.39 -0.60
N PRO A 10 -3.33 -5.15 0.29
CA PRO A 10 -3.18 -5.47 1.72
C PRO A 10 -2.61 -6.86 1.95
N LEU A 11 -2.65 -7.68 0.90
CA LEU A 11 -2.15 -9.05 0.98
C LEU A 11 -0.75 -9.22 0.39
N MET A 12 -0.47 -8.59 -0.75
CA MET A 12 0.83 -8.78 -1.41
C MET A 12 1.69 -7.52 -1.48
N TYR A 13 1.08 -6.35 -1.51
CA TYR A 13 1.85 -5.10 -1.58
C TYR A 13 1.67 -4.24 -0.33
N PRO A 14 2.42 -4.53 0.75
CA PRO A 14 2.34 -3.75 1.99
C PRO A 14 2.97 -2.36 1.80
N CYS A 15 2.23 -1.32 2.16
CA CYS A 15 2.73 0.04 2.02
C CYS A 15 3.93 0.29 2.93
N CYS A 16 4.79 1.22 2.53
CA CYS A 16 5.98 1.56 3.29
C CYS A 16 5.68 1.68 4.79
N THR A 17 4.77 2.59 5.13
CA THR A 17 4.38 2.80 6.52
C THR A 17 2.88 2.77 6.70
N GLY A 18 2.43 2.19 7.81
CA GLY A 18 1.00 2.10 8.08
C GLY A 18 0.27 1.19 7.12
N PRO A 19 -0.96 0.76 7.47
CA PRO A 19 -1.75 -0.12 6.61
C PRO A 19 -2.14 0.55 5.30
N CYS A 20 -2.57 -0.25 4.33
CA CYS A 20 -2.97 0.26 3.03
C CYS A 20 -4.26 1.06 3.13
N ARG A 21 -4.36 2.13 2.35
CA ARG A 21 -5.53 2.99 2.36
C ARG A 21 -6.64 2.43 1.46
N SER A 22 -7.00 1.18 1.69
CA SER A 22 -8.06 0.52 0.94
C SER A 22 -7.78 0.47 -0.56
N GLY A 23 -6.75 -0.28 -0.96
CA GLY A 23 -6.43 -0.41 -2.36
C GLY A 23 -5.15 0.30 -2.77
N LYS A 24 -4.89 1.46 -2.19
CA LYS A 24 -3.69 2.23 -2.53
C LYS A 24 -3.00 2.76 -1.28
N CYS A 25 -1.75 3.18 -1.44
CA CYS A 25 -0.97 3.71 -0.33
C CYS A 25 -1.30 5.18 -0.10
N CYS A 1 9.23 -0.96 -1.04
CA CYS A 1 7.91 -0.70 -0.39
C CYS A 1 7.07 0.26 -1.21
N LYS A 2 5.78 -0.06 -1.36
CA LYS A 2 4.86 0.75 -2.13
C LYS A 2 4.77 2.18 -1.58
N PRO A 3 5.09 3.19 -2.43
CA PRO A 3 5.02 4.58 -2.06
C PRO A 3 3.62 5.15 -2.25
N LYS A 4 3.42 6.39 -1.81
CA LYS A 4 2.11 7.03 -1.94
C LYS A 4 1.72 7.14 -3.42
N GLY A 5 0.43 7.02 -3.68
CA GLY A 5 -0.05 7.11 -5.06
C GLY A 5 -0.09 5.76 -5.74
N ALA A 6 0.78 4.85 -5.31
CA ALA A 6 0.85 3.51 -5.89
C ALA A 6 -0.24 2.61 -5.32
N PRO A 7 -0.63 1.55 -6.05
CA PRO A 7 -1.65 0.61 -5.60
C PRO A 7 -1.08 -0.42 -4.64
N CYS A 8 -1.70 -0.55 -3.47
CA CYS A 8 -1.23 -1.51 -2.47
C CYS A 8 -2.28 -2.56 -2.15
N SER A 9 -1.80 -3.77 -1.89
CA SER A 9 -2.67 -4.89 -1.54
C SER A 9 -2.26 -5.41 -0.16
N PRO A 10 -3.13 -5.29 0.85
CA PRO A 10 -2.83 -5.76 2.21
C PRO A 10 -2.29 -7.19 2.22
N LEU A 11 -2.46 -7.89 1.11
CA LEU A 11 -2.00 -9.26 0.98
C LEU A 11 -0.69 -9.39 0.21
N MET A 12 -0.56 -8.64 -0.90
CA MET A 12 0.66 -8.75 -1.72
C MET A 12 1.51 -7.47 -1.77
N TYR A 13 0.88 -6.32 -1.62
CA TYR A 13 1.62 -5.06 -1.67
C TYR A 13 1.43 -4.24 -0.40
N PRO A 14 2.29 -4.45 0.63
CA PRO A 14 2.23 -3.71 1.88
C PRO A 14 2.94 -2.36 1.76
N CYS A 15 2.26 -1.29 2.16
CA CYS A 15 2.83 0.05 2.09
C CYS A 15 4.05 0.18 3.00
N CYS A 16 4.93 1.11 2.66
CA CYS A 16 6.13 1.35 3.45
C CYS A 16 5.78 1.74 4.88
N THR A 17 4.86 2.68 5.02
CA THR A 17 4.44 3.15 6.33
C THR A 17 2.94 2.95 6.51
N GLY A 18 2.56 2.36 7.66
CA GLY A 18 1.16 2.12 7.95
C GLY A 18 0.53 1.13 6.99
N PRO A 19 -0.76 0.78 7.20
CA PRO A 19 -1.47 -0.17 6.35
C PRO A 19 -1.96 0.47 5.06
N CYS A 20 -2.31 -0.37 4.08
CA CYS A 20 -2.81 0.11 2.79
C CYS A 20 -4.14 0.83 2.96
N ARG A 21 -4.38 1.84 2.14
CA ARG A 21 -5.62 2.61 2.22
C ARG A 21 -6.69 2.04 1.29
N SER A 22 -6.84 0.73 1.30
CA SER A 22 -7.85 0.04 0.48
C SER A 22 -7.66 0.30 -1.02
N GLY A 23 -6.56 -0.20 -1.57
CA GLY A 23 -6.31 -0.04 -3.00
C GLY A 23 -5.19 0.92 -3.33
N LYS A 24 -5.08 2.00 -2.57
CA LYS A 24 -4.04 3.00 -2.80
C LYS A 24 -3.24 3.25 -1.52
N CYS A 25 -2.05 3.82 -1.69
CA CYS A 25 -1.18 4.13 -0.57
C CYS A 25 -1.29 5.59 -0.16
N CYS A 1 9.24 -0.81 -1.31
CA CYS A 1 7.92 -0.68 -0.63
C CYS A 1 7.00 0.24 -1.41
N LYS A 2 5.70 -0.08 -1.40
CA LYS A 2 4.72 0.72 -2.12
C LYS A 2 4.69 2.16 -1.61
N PRO A 3 5.08 3.14 -2.45
CA PRO A 3 5.10 4.54 -2.08
C PRO A 3 3.72 5.19 -2.23
N LYS A 4 3.58 6.40 -1.69
CA LYS A 4 2.32 7.12 -1.76
C LYS A 4 1.87 7.33 -3.20
N GLY A 5 0.66 6.88 -3.51
CA GLY A 5 0.12 7.03 -4.85
C GLY A 5 0.11 5.73 -5.63
N ALA A 6 0.88 4.75 -5.14
CA ALA A 6 0.96 3.45 -5.80
C ALA A 6 -0.15 2.52 -5.31
N PRO A 7 -0.47 1.47 -6.08
CA PRO A 7 -1.51 0.51 -5.70
C PRO A 7 -0.97 -0.52 -4.71
N CYS A 8 -1.66 -0.64 -3.58
CA CYS A 8 -1.24 -1.59 -2.56
C CYS A 8 -2.31 -2.64 -2.30
N SER A 9 -1.85 -3.86 -2.00
CA SER A 9 -2.75 -4.96 -1.72
C SER A 9 -2.44 -5.47 -0.31
N PRO A 10 -3.40 -5.37 0.62
CA PRO A 10 -3.21 -5.84 2.00
C PRO A 10 -2.64 -7.25 2.06
N LEU A 11 -2.68 -7.93 0.92
CA LEU A 11 -2.18 -9.30 0.83
C LEU A 11 -0.77 -9.39 0.23
N MET A 12 -0.52 -8.69 -0.89
CA MET A 12 0.78 -8.79 -1.54
C MET A 12 1.59 -7.49 -1.56
N TYR A 13 0.92 -6.33 -1.53
CA TYR A 13 1.65 -5.06 -1.57
C TYR A 13 1.43 -4.22 -0.32
N PRO A 14 2.35 -4.29 0.65
CA PRO A 14 2.26 -3.50 1.88
C PRO A 14 2.90 -2.12 1.71
N CYS A 15 2.17 -1.07 2.06
CA CYS A 15 2.68 0.29 1.93
C CYS A 15 3.93 0.48 2.78
N CYS A 16 4.80 1.39 2.36
CA CYS A 16 6.05 1.66 3.07
C CYS A 16 5.77 1.85 4.56
N THR A 17 4.95 2.82 4.89
CA THR A 17 4.59 3.11 6.28
C THR A 17 3.08 3.06 6.46
N GLY A 18 2.64 2.40 7.52
CA GLY A 18 1.22 2.29 7.79
C GLY A 18 0.53 1.29 6.89
N PRO A 19 -0.75 0.99 7.13
CA PRO A 19 -1.51 0.01 6.33
C PRO A 19 -1.99 0.60 5.00
N CYS A 20 -2.37 -0.28 4.08
CA CYS A 20 -2.86 0.13 2.77
C CYS A 20 -4.25 0.76 2.89
N ARG A 21 -4.44 1.90 2.25
CA ARG A 21 -5.73 2.61 2.29
C ARG A 21 -6.74 1.99 1.32
N SER A 22 -6.89 0.68 1.40
CA SER A 22 -7.84 -0.04 0.54
C SER A 22 -7.53 0.14 -0.94
N GLY A 23 -6.40 -0.37 -1.39
CA GLY A 23 -6.04 -0.26 -2.80
C GLY A 23 -4.96 0.77 -3.08
N LYS A 24 -4.99 1.88 -2.35
CA LYS A 24 -4.03 2.94 -2.54
C LYS A 24 -3.26 3.21 -1.24
N CYS A 25 -2.01 3.67 -1.38
CA CYS A 25 -1.18 3.97 -0.22
C CYS A 25 -1.39 5.40 0.26
N CYS A 1 9.00 -1.19 -0.95
CA CYS A 1 7.70 -0.80 -0.34
C CYS A 1 6.94 0.18 -1.23
N LYS A 2 5.65 -0.06 -1.38
CA LYS A 2 4.80 0.79 -2.21
C LYS A 2 4.72 2.21 -1.66
N PRO A 3 5.06 3.21 -2.50
CA PRO A 3 5.02 4.61 -2.12
C PRO A 3 3.62 5.21 -2.31
N LYS A 4 3.45 6.46 -1.88
CA LYS A 4 2.18 7.15 -2.00
C LYS A 4 1.74 7.25 -3.45
N GLY A 5 0.46 6.99 -3.72
CA GLY A 5 -0.06 7.06 -5.06
C GLY A 5 -0.06 5.72 -5.76
N ALA A 6 0.77 4.80 -5.27
CA ALA A 6 0.87 3.47 -5.85
C ALA A 6 -0.21 2.54 -5.29
N PRO A 7 -0.60 1.51 -6.04
CA PRO A 7 -1.63 0.55 -5.61
C PRO A 7 -1.06 -0.47 -4.64
N CYS A 8 -1.69 -0.60 -3.48
CA CYS A 8 -1.22 -1.54 -2.47
C CYS A 8 -2.26 -2.62 -2.15
N SER A 9 -1.78 -3.83 -1.90
CA SER A 9 -2.63 -4.94 -1.57
C SER A 9 -2.23 -5.48 -0.19
N PRO A 10 -3.11 -5.36 0.82
CA PRO A 10 -2.81 -5.83 2.17
C PRO A 10 -2.24 -7.24 2.18
N LEU A 11 -2.40 -7.94 1.07
CA LEU A 11 -1.91 -9.31 0.95
C LEU A 11 -0.60 -9.41 0.17
N MET A 12 -0.46 -8.67 -0.94
CA MET A 12 0.75 -8.76 -1.76
C MET A 12 1.58 -7.48 -1.80
N TYR A 13 0.94 -6.33 -1.65
CA TYR A 13 1.65 -5.06 -1.69
C TYR A 13 1.44 -4.25 -0.41
N PRO A 14 2.30 -4.42 0.60
CA PRO A 14 2.20 -3.69 1.85
C PRO A 14 2.89 -2.33 1.76
N CYS A 15 2.18 -1.27 2.14
CA CYS A 15 2.74 0.08 2.10
C CYS A 15 3.97 0.20 2.99
N CYS A 16 4.84 1.14 2.66
CA CYS A 16 6.05 1.36 3.44
C CYS A 16 5.72 1.72 4.88
N THR A 17 4.77 2.65 5.05
CA THR A 17 4.35 3.09 6.37
C THR A 17 2.85 2.91 6.57
N GLY A 18 2.47 2.27 7.68
CA GLY A 18 1.06 2.06 7.96
C GLY A 18 0.41 1.09 7.00
N PRO A 19 -0.87 0.75 7.22
CA PRO A 19 -1.61 -0.18 6.35
C PRO A 19 -2.06 0.48 5.05
N CYS A 20 -2.38 -0.35 4.06
CA CYS A 20 -2.83 0.14 2.77
C CYS A 20 -4.16 0.86 2.91
N ARG A 21 -4.32 1.97 2.18
CA ARG A 21 -5.55 2.75 2.24
C ARG A 21 -6.63 2.19 1.32
N SER A 22 -6.83 0.87 1.41
CA SER A 22 -7.85 0.19 0.60
C SER A 22 -7.63 0.38 -0.90
N GLY A 23 -6.54 -0.17 -1.41
CA GLY A 23 -6.26 -0.07 -2.85
C GLY A 23 -5.12 0.87 -3.19
N LYS A 24 -5.02 1.98 -2.48
CA LYS A 24 -3.96 2.96 -2.74
C LYS A 24 -3.18 3.28 -1.47
N CYS A 25 -2.01 3.88 -1.64
CA CYS A 25 -1.16 4.24 -0.52
C CYS A 25 -1.29 5.72 -0.19
N CYS A 1 9.05 -1.01 -1.14
CA CYS A 1 7.73 -0.77 -0.51
C CYS A 1 6.89 0.20 -1.33
N LYS A 2 5.59 -0.08 -1.41
CA LYS A 2 4.67 0.76 -2.17
C LYS A 2 4.64 2.20 -1.65
N PRO A 3 4.95 3.17 -2.52
CA PRO A 3 4.94 4.58 -2.16
C PRO A 3 3.56 5.20 -2.29
N LYS A 4 3.43 6.46 -1.87
CA LYS A 4 2.16 7.17 -1.94
C LYS A 4 1.73 7.37 -3.39
N GLY A 5 0.49 6.98 -3.68
CA GLY A 5 -0.04 7.13 -5.02
C GLY A 5 -0.04 5.81 -5.78
N ALA A 6 0.71 4.84 -5.29
CA ALA A 6 0.81 3.54 -5.91
C ALA A 6 -0.25 2.59 -5.37
N PRO A 7 -0.60 1.54 -6.14
CA PRO A 7 -1.60 0.56 -5.72
C PRO A 7 -1.02 -0.43 -4.72
N CYS A 8 -1.68 -0.57 -3.57
CA CYS A 8 -1.20 -1.48 -2.54
C CYS A 8 -2.25 -2.51 -2.17
N SER A 9 -1.78 -3.70 -1.84
CA SER A 9 -2.65 -4.80 -1.44
C SER A 9 -2.26 -5.26 -0.04
N PRO A 10 -3.14 -5.07 0.96
CA PRO A 10 -2.85 -5.49 2.34
C PRO A 10 -2.34 -6.92 2.40
N LEU A 11 -2.50 -7.65 1.30
CA LEU A 11 -2.06 -9.03 1.22
C LEU A 11 -0.72 -9.19 0.48
N MET A 12 -0.57 -8.53 -0.68
CA MET A 12 0.67 -8.69 -1.45
C MET A 12 1.50 -7.41 -1.57
N TYR A 13 0.86 -6.25 -1.52
CA TYR A 13 1.59 -4.99 -1.62
C TYR A 13 1.40 -4.13 -0.38
N PRO A 14 2.25 -4.32 0.65
CA PRO A 14 2.18 -3.56 1.88
C PRO A 14 2.91 -2.22 1.77
N CYS A 15 2.23 -1.14 2.15
CA CYS A 15 2.83 0.20 2.09
C CYS A 15 4.06 0.29 2.99
N CYS A 16 4.96 1.21 2.66
CA CYS A 16 6.18 1.40 3.44
C CYS A 16 5.86 1.50 4.93
N THR A 17 4.97 2.41 5.28
CA THR A 17 4.57 2.61 6.66
C THR A 17 3.07 2.42 6.83
N GLY A 18 2.70 1.57 7.80
CA GLY A 18 1.29 1.32 8.06
C GLY A 18 0.65 0.46 6.98
N PRO A 19 -0.66 0.14 7.13
CA PRO A 19 -1.38 -0.68 6.16
C PRO A 19 -1.80 0.10 4.93
N CYS A 20 -2.34 -0.61 3.94
CA CYS A 20 -2.77 0.01 2.70
C CYS A 20 -4.13 0.69 2.87
N ARG A 21 -4.37 1.75 2.10
CA ARG A 21 -5.63 2.48 2.19
C ARG A 21 -6.69 1.90 1.24
N SER A 22 -6.76 0.58 1.19
CA SER A 22 -7.75 -0.10 0.36
C SER A 22 -7.57 0.18 -1.14
N GLY A 23 -6.46 -0.27 -1.70
CA GLY A 23 -6.22 -0.07 -3.12
C GLY A 23 -5.11 0.91 -3.43
N LYS A 24 -5.00 1.97 -2.65
CA LYS A 24 -3.96 2.98 -2.87
C LYS A 24 -3.23 3.30 -1.58
N CYS A 25 -2.05 3.91 -1.72
CA CYS A 25 -1.25 4.29 -0.55
C CYS A 25 -1.38 5.77 -0.25
N CYS A 1 9.19 -0.95 -1.00
CA CYS A 1 7.84 -0.76 -0.43
C CYS A 1 7.03 0.21 -1.29
N LYS A 2 5.74 -0.08 -1.43
CA LYS A 2 4.85 0.73 -2.24
C LYS A 2 4.75 2.16 -1.70
N PRO A 3 5.08 3.17 -2.55
CA PRO A 3 5.00 4.56 -2.16
C PRO A 3 3.61 5.14 -2.35
N LYS A 4 3.42 6.38 -1.93
CA LYS A 4 2.13 7.05 -2.06
C LYS A 4 1.69 7.12 -3.52
N GLY A 5 0.39 7.03 -3.76
CA GLY A 5 -0.13 7.08 -5.11
C GLY A 5 -0.13 5.72 -5.79
N ALA A 6 0.76 4.85 -5.33
CA ALA A 6 0.86 3.50 -5.89
C ALA A 6 -0.21 2.58 -5.30
N PRO A 7 -0.60 1.51 -6.02
CA PRO A 7 -1.61 0.57 -5.55
C PRO A 7 -1.03 -0.42 -4.55
N CYS A 8 -1.67 -0.52 -3.39
CA CYS A 8 -1.21 -1.42 -2.34
C CYS A 8 -2.23 -2.52 -2.05
N SER A 9 -1.72 -3.71 -1.76
CA SER A 9 -2.55 -4.85 -1.45
C SER A 9 -2.17 -5.36 -0.06
N PRO A 10 -3.08 -5.23 0.93
CA PRO A 10 -2.80 -5.70 2.29
C PRO A 10 -2.22 -7.10 2.31
N LEU A 11 -2.40 -7.82 1.22
CA LEU A 11 -1.90 -9.19 1.10
C LEU A 11 -0.61 -9.28 0.28
N MET A 12 -0.53 -8.55 -0.84
CA MET A 12 0.67 -8.65 -1.69
C MET A 12 1.49 -7.37 -1.80
N TYR A 13 0.87 -6.21 -1.66
CA TYR A 13 1.60 -4.95 -1.76
C TYR A 13 1.47 -4.11 -0.49
N PRO A 14 2.25 -4.42 0.56
CA PRO A 14 2.23 -3.68 1.81
C PRO A 14 2.96 -2.34 1.69
N CYS A 15 2.30 -1.26 2.10
CA CYS A 15 2.90 0.06 2.04
C CYS A 15 4.09 0.19 2.97
N CYS A 16 4.99 1.13 2.66
CA CYS A 16 6.18 1.37 3.46
C CYS A 16 5.82 1.42 4.95
N THR A 17 4.91 2.30 5.31
CA THR A 17 4.48 2.46 6.69
C THR A 17 2.97 2.52 6.81
N GLY A 18 2.43 1.87 7.83
CA GLY A 18 0.99 1.87 8.04
C GLY A 18 0.27 0.95 7.06
N PRO A 19 -1.00 0.60 7.34
CA PRO A 19 -1.80 -0.27 6.47
C PRO A 19 -2.20 0.41 5.17
N CYS A 20 -2.51 -0.40 4.16
CA CYS A 20 -2.92 0.12 2.85
C CYS A 20 -4.26 0.83 2.97
N ARG A 21 -4.43 1.90 2.18
CA ARG A 21 -5.66 2.67 2.21
C ARG A 21 -6.73 2.07 1.29
N SER A 22 -6.80 0.74 1.27
CA SER A 22 -7.79 0.03 0.45
C SER A 22 -7.60 0.27 -1.04
N GLY A 23 -6.49 -0.21 -1.59
CA GLY A 23 -6.25 -0.06 -3.02
C GLY A 23 -5.14 0.93 -3.35
N LYS A 24 -5.06 2.03 -2.60
CA LYS A 24 -4.03 3.04 -2.84
C LYS A 24 -3.25 3.33 -1.57
N CYS A 25 -2.05 3.89 -1.74
CA CYS A 25 -1.19 4.21 -0.61
C CYS A 25 -1.28 5.69 -0.27
N CYS A 1 9.14 -0.82 -1.14
CA CYS A 1 7.85 -0.60 -0.45
C CYS A 1 6.95 0.32 -1.25
N LYS A 2 5.66 -0.03 -1.32
CA LYS A 2 4.68 0.76 -2.05
C LYS A 2 4.63 2.20 -1.56
N PRO A 3 4.96 3.18 -2.43
CA PRO A 3 4.95 4.58 -2.09
C PRO A 3 3.57 5.19 -2.28
N LYS A 4 3.41 6.45 -1.88
CA LYS A 4 2.13 7.13 -2.02
C LYS A 4 1.73 7.23 -3.49
N GLY A 5 0.45 7.05 -3.75
CA GLY A 5 -0.04 7.13 -5.12
C GLY A 5 -0.03 5.79 -5.82
N ALA A 6 0.73 4.84 -5.28
CA ALA A 6 0.83 3.51 -5.87
C ALA A 6 -0.28 2.59 -5.33
N PRO A 7 -0.60 1.52 -6.06
CA PRO A 7 -1.63 0.57 -5.63
C PRO A 7 -1.07 -0.47 -4.69
N CYS A 8 -1.68 -0.62 -3.52
CA CYS A 8 -1.21 -1.57 -2.54
C CYS A 8 -2.27 -2.62 -2.20
N SER A 9 -1.80 -3.82 -1.91
CA SER A 9 -2.66 -4.93 -1.55
C SER A 9 -2.27 -5.43 -0.16
N PRO A 10 -3.16 -5.30 0.83
CA PRO A 10 -2.88 -5.76 2.19
C PRO A 10 -2.33 -7.18 2.22
N LEU A 11 -2.51 -7.89 1.11
CA LEU A 11 -2.05 -9.26 1.00
C LEU A 11 -0.74 -9.39 0.23
N MET A 12 -0.58 -8.65 -0.87
CA MET A 12 0.64 -8.77 -1.69
C MET A 12 1.51 -7.51 -1.71
N TYR A 13 0.91 -6.34 -1.56
CA TYR A 13 1.69 -5.10 -1.58
C TYR A 13 1.50 -4.30 -0.29
N PRO A 14 2.44 -4.43 0.67
CA PRO A 14 2.39 -3.71 1.93
C PRO A 14 3.05 -2.34 1.82
N CYS A 15 2.33 -1.29 2.24
CA CYS A 15 2.86 0.06 2.18
C CYS A 15 4.08 0.23 3.07
N CYS A 16 4.94 1.18 2.72
CA CYS A 16 6.15 1.44 3.48
C CYS A 16 5.81 1.78 4.93
N THR A 17 4.83 2.67 5.10
CA THR A 17 4.40 3.08 6.43
C THR A 17 2.90 2.90 6.60
N GLY A 18 2.52 2.10 7.59
CA GLY A 18 1.11 1.85 7.86
C GLY A 18 0.46 0.96 6.80
N PRO A 19 -0.71 0.39 7.10
CA PRO A 19 -1.43 -0.48 6.17
C PRO A 19 -1.87 0.25 4.90
N CYS A 20 -2.37 -0.51 3.92
CA CYS A 20 -2.83 0.07 2.66
C CYS A 20 -4.16 0.80 2.86
N ARG A 21 -4.33 1.90 2.13
CA ARG A 21 -5.56 2.69 2.24
C ARG A 21 -6.65 2.16 1.31
N SER A 22 -6.86 0.85 1.33
CA SER A 22 -7.89 0.21 0.53
C SER A 22 -7.69 0.43 -0.98
N GLY A 23 -6.60 -0.13 -1.52
CA GLY A 23 -6.34 0.01 -2.94
C GLY A 23 -5.16 0.91 -3.27
N LYS A 24 -5.01 1.98 -2.52
CA LYS A 24 -3.92 2.92 -2.76
C LYS A 24 -3.16 3.22 -1.47
N CYS A 25 -1.97 3.80 -1.62
CA CYS A 25 -1.15 4.13 -0.46
C CYS A 25 -1.31 5.60 -0.09
N CYS A 1 9.14 -1.10 -0.97
CA CYS A 1 7.78 -0.85 -0.44
C CYS A 1 7.03 0.15 -1.31
N LYS A 2 5.74 -0.09 -1.49
CA LYS A 2 4.88 0.77 -2.31
C LYS A 2 4.85 2.19 -1.76
N PRO A 3 5.13 3.19 -2.62
CA PRO A 3 5.11 4.59 -2.24
C PRO A 3 3.70 5.17 -2.32
N LYS A 4 3.55 6.41 -1.87
CA LYS A 4 2.25 7.08 -1.90
C LYS A 4 1.75 7.22 -3.34
N GLY A 5 0.45 7.06 -3.52
CA GLY A 5 -0.14 7.19 -4.84
C GLY A 5 -0.08 5.89 -5.64
N ALA A 6 0.72 4.95 -5.18
CA ALA A 6 0.85 3.67 -5.87
C ALA A 6 -0.24 2.70 -5.42
N PRO A 7 -0.55 1.69 -6.25
CA PRO A 7 -1.58 0.69 -5.93
C PRO A 7 -1.02 -0.38 -5.01
N CYS A 8 -1.67 -0.60 -3.87
CA CYS A 8 -1.21 -1.59 -2.92
C CYS A 8 -2.31 -2.60 -2.59
N SER A 9 -1.87 -3.80 -2.21
CA SER A 9 -2.77 -4.87 -1.85
C SER A 9 -2.50 -5.29 -0.42
N PRO A 10 -3.47 -5.10 0.50
CA PRO A 10 -3.29 -5.48 1.90
C PRO A 10 -2.74 -6.89 2.06
N LEU A 11 -2.79 -7.66 0.98
CA LEU A 11 -2.31 -9.04 0.99
C LEU A 11 -0.93 -9.20 0.37
N MET A 12 -0.67 -8.55 -0.77
CA MET A 12 0.63 -8.72 -1.44
C MET A 12 1.48 -7.46 -1.50
N TYR A 13 0.86 -6.28 -1.50
CA TYR A 13 1.63 -5.03 -1.55
C TYR A 13 1.43 -4.20 -0.30
N PRO A 14 2.36 -4.30 0.68
CA PRO A 14 2.30 -3.53 1.91
C PRO A 14 2.94 -2.15 1.74
N CYS A 15 2.22 -1.11 2.11
CA CYS A 15 2.73 0.25 2.00
C CYS A 15 3.93 0.46 2.91
N CYS A 16 4.83 1.34 2.50
CA CYS A 16 6.03 1.64 3.27
C CYS A 16 5.68 1.88 4.74
N THR A 17 4.88 2.89 5.01
CA THR A 17 4.48 3.23 6.37
C THR A 17 2.97 3.14 6.55
N GLY A 18 2.55 2.53 7.65
CA GLY A 18 1.13 2.38 7.94
C GLY A 18 0.46 1.38 7.03
N PRO A 19 -0.65 0.76 7.47
CA PRO A 19 -1.39 -0.22 6.68
C PRO A 19 -1.85 0.34 5.33
N CYS A 20 -2.39 -0.54 4.48
CA CYS A 20 -2.85 -0.15 3.17
C CYS A 20 -4.18 0.61 3.26
N ARG A 21 -4.40 1.52 2.34
CA ARG A 21 -5.64 2.32 2.33
C ARG A 21 -6.68 1.72 1.38
N SER A 22 -6.74 0.40 1.34
CA SER A 22 -7.70 -0.30 0.49
C SER A 22 -7.48 -0.02 -0.99
N GLY A 23 -6.36 -0.48 -1.53
CA GLY A 23 -6.08 -0.29 -2.95
C GLY A 23 -4.94 0.67 -3.23
N LYS A 24 -4.72 1.64 -2.34
CA LYS A 24 -3.65 2.61 -2.54
C LYS A 24 -2.89 2.88 -1.26
N CYS A 25 -1.79 3.63 -1.38
CA CYS A 25 -0.96 3.98 -0.24
C CYS A 25 -1.16 5.45 0.15
N CYS A 1 9.07 -0.82 -1.14
CA CYS A 1 7.73 -0.66 -0.52
C CYS A 1 6.85 0.27 -1.34
N LYS A 2 5.56 -0.03 -1.38
CA LYS A 2 4.61 0.77 -2.13
C LYS A 2 4.52 2.19 -1.59
N PRO A 3 4.94 3.20 -2.39
CA PRO A 3 4.89 4.59 -1.99
C PRO A 3 3.54 5.20 -2.29
N LYS A 4 3.32 6.43 -1.82
CA LYS A 4 2.05 7.12 -2.06
C LYS A 4 1.77 7.23 -3.56
N GLY A 5 0.52 7.03 -3.94
CA GLY A 5 0.14 7.11 -5.33
C GLY A 5 0.17 5.76 -6.03
N ALA A 6 0.92 4.82 -5.47
CA ALA A 6 1.02 3.48 -6.04
C ALA A 6 -0.10 2.58 -5.52
N PRO A 7 -0.43 1.51 -6.28
CA PRO A 7 -1.47 0.58 -5.87
C PRO A 7 -0.94 -0.44 -4.88
N CYS A 8 -1.60 -0.55 -3.73
CA CYS A 8 -1.16 -1.49 -2.70
C CYS A 8 -2.25 -2.51 -2.39
N SER A 9 -1.82 -3.74 -2.12
CA SER A 9 -2.73 -4.81 -1.79
C SER A 9 -2.45 -5.29 -0.36
N PRO A 10 -3.43 -5.14 0.56
CA PRO A 10 -3.25 -5.57 1.94
C PRO A 10 -2.72 -6.99 2.04
N LEU A 11 -2.75 -7.70 0.91
CA LEU A 11 -2.29 -9.07 0.87
C LEU A 11 -0.87 -9.21 0.29
N MET A 12 -0.60 -8.57 -0.84
CA MET A 12 0.72 -8.70 -1.47
C MET A 12 1.53 -7.41 -1.53
N TYR A 13 0.87 -6.26 -1.56
CA TYR A 13 1.58 -4.98 -1.62
C TYR A 13 1.27 -4.10 -0.42
N PRO A 14 2.11 -4.16 0.64
CA PRO A 14 1.93 -3.34 1.83
C PRO A 14 2.62 -2.00 1.69
N CYS A 15 1.89 -0.91 1.94
CA CYS A 15 2.45 0.43 1.82
C CYS A 15 3.66 0.60 2.73
N CYS A 16 4.55 1.52 2.36
CA CYS A 16 5.75 1.79 3.14
C CYS A 16 5.37 2.06 4.60
N THR A 17 4.22 2.67 4.80
CA THR A 17 3.74 2.98 6.14
C THR A 17 3.12 1.74 6.79
N GLY A 18 2.47 1.93 7.93
CA GLY A 18 1.85 0.82 8.63
C GLY A 18 0.80 0.11 7.80
N PRO A 19 -0.48 0.53 7.91
CA PRO A 19 -1.58 -0.09 7.17
C PRO A 19 -1.74 0.44 5.75
N CYS A 20 -2.52 -0.27 4.94
CA CYS A 20 -2.78 0.12 3.56
C CYS A 20 -4.12 0.85 3.47
N ARG A 21 -4.24 1.74 2.48
CA ARG A 21 -5.47 2.51 2.30
C ARG A 21 -6.47 1.78 1.40
N SER A 22 -6.41 0.45 1.41
CA SER A 22 -7.33 -0.37 0.62
C SER A 22 -7.18 -0.15 -0.88
N GLY A 23 -6.04 -0.55 -1.43
CA GLY A 23 -5.81 -0.41 -2.86
C GLY A 23 -4.77 0.62 -3.23
N LYS A 24 -4.58 1.62 -2.38
CA LYS A 24 -3.59 2.67 -2.66
C LYS A 24 -2.83 3.08 -1.40
N CYS A 25 -1.78 3.87 -1.60
CA CYS A 25 -0.96 4.35 -0.49
C CYS A 25 -1.22 5.83 -0.22
#